data_5T97
#
_entry.id   5T97
#
_cell.length_a   105.920
_cell.length_b   51.800
_cell.length_c   95.170
_cell.angle_alpha   90.000
_cell.angle_beta   113.130
_cell.angle_gamma   90.000
#
_symmetry.space_group_name_H-M   'C 1 2 1'
#
loop_
_entity.id
_entity.type
_entity.pdbx_description
1 polymer 'Estrogen receptor'
2 non-polymer '(2E)-3-(4-{(1R)-6-hydroxy-1-methyl-2-[4-(propan-2-yl)phenyl]-1,2,3,4-tetrahydroisoquinolin-1-yl}phenyl)prop-2-enoic acid'
3 water water
#
_entity_poly.entity_id   1
_entity_poly.type   'polypeptide(L)'
_entity_poly.pdbx_seq_one_letter_code
;GSKKNSLALSLTADQMVSALLDAEPPILYSEYDPTRPFSEASMMGLLTNLADRELVHMINWAKRVPGFVDLTLHDQVHLL
ESAWLEILMIGLVWRSMEHPGKLLFAPNLLLDRNQGKSVEGMVEIFDMLLATSSRFRMMNLQGEEFVCLKSIILLNSGVY
TFLSSTLKSLEEKDHIHRVLDKITDTLIHLMAKAGLTLQQQHQRLAQLLLILSHIRHMSNKGMEHLYSMKSKNVVPLYDL
LLEMLDAHRLHAPT
;
_entity_poly.pdbx_strand_id   A,B
#
loop_
_chem_comp.id
_chem_comp.type
_chem_comp.name
_chem_comp.formula
782 non-polymer '(2E)-3-(4-{(1R)-6-hydroxy-1-methyl-2-[4-(propan-2-yl)phenyl]-1,2,3,4-tetrahydroisoquinolin-1-yl}phenyl)prop-2-enoic acid' 'C28 H29 N O3'
#
# COMPACT_ATOMS: atom_id res chain seq x y z
N LEU A 11 10.98 -9.71 22.22
CA LEU A 11 10.88 -10.98 21.49
C LEU A 11 12.00 -11.16 20.44
N THR A 12 11.97 -12.29 19.67
CA THR A 12 12.90 -12.61 18.59
C THR A 12 12.14 -12.94 17.28
N ALA A 13 12.85 -12.92 16.12
CA ALA A 13 12.28 -13.18 14.79
C ALA A 13 11.74 -14.61 14.57
N ASP A 14 12.17 -15.57 15.41
CA ASP A 14 11.65 -16.94 15.31
C ASP A 14 10.53 -17.15 16.32
N GLN A 15 10.58 -16.40 17.44
CA GLN A 15 9.55 -16.38 18.51
C GLN A 15 8.33 -15.61 18.02
N MET A 16 8.55 -14.65 17.08
CA MET A 16 7.54 -13.80 16.46
C MET A 16 6.62 -14.64 15.59
N VAL A 17 7.20 -15.33 14.59
CA VAL A 17 6.48 -16.19 13.66
C VAL A 17 5.78 -17.35 14.40
N SER A 18 6.39 -17.81 15.52
CA SER A 18 5.87 -18.84 16.42
C SER A 18 4.57 -18.35 17.05
N ALA A 19 4.60 -17.16 17.70
CA ALA A 19 3.46 -16.48 18.32
C ALA A 19 2.35 -16.27 17.29
N LEU A 20 2.72 -15.68 16.11
CA LEU A 20 1.82 -15.37 14.99
C LEU A 20 1.05 -16.58 14.46
N LEU A 21 1.75 -17.71 14.25
CA LEU A 21 1.13 -18.95 13.75
C LEU A 21 0.22 -19.62 14.80
N ASP A 22 0.62 -19.55 16.09
CA ASP A 22 -0.17 -20.10 17.18
C ASP A 22 -1.40 -19.22 17.51
N ALA A 23 -1.40 -17.97 17.01
CA ALA A 23 -2.50 -17.01 17.19
C ALA A 23 -3.56 -17.18 16.10
N GLU A 24 -3.22 -17.87 14.98
CA GLU A 24 -4.08 -18.06 13.79
C GLU A 24 -5.50 -18.57 14.07
N PRO A 25 -6.51 -17.82 13.55
CA PRO A 25 -7.90 -18.24 13.75
C PRO A 25 -8.27 -19.54 13.00
N PRO A 26 -9.35 -20.22 13.44
CA PRO A 26 -9.77 -21.44 12.75
C PRO A 26 -10.57 -21.19 11.47
N ILE A 27 -10.76 -22.25 10.65
CA ILE A 27 -11.55 -22.15 9.43
C ILE A 27 -13.01 -22.50 9.74
N LEU A 28 -13.90 -21.50 9.70
CA LEU A 28 -15.33 -21.70 9.96
C LEU A 28 -16.07 -22.33 8.76
N TYR A 29 -17.29 -22.85 9.01
CA TYR A 29 -18.16 -23.52 8.02
C TYR A 29 -19.52 -22.82 7.89
N MET A 44 -25.97 -13.92 -0.28
CA MET A 44 -25.45 -12.78 0.48
C MET A 44 -25.48 -13.08 1.96
N GLY A 45 -26.70 -13.23 2.50
CA GLY A 45 -26.98 -13.54 3.90
C GLY A 45 -26.17 -14.68 4.48
N LEU A 46 -25.79 -15.64 3.61
CA LEU A 46 -24.92 -16.76 3.92
C LEU A 46 -23.57 -16.17 4.37
N LEU A 47 -22.90 -15.43 3.45
CA LEU A 47 -21.61 -14.76 3.64
C LEU A 47 -21.64 -13.73 4.74
N THR A 48 -22.74 -12.96 4.82
CA THR A 48 -22.93 -11.94 5.85
C THR A 48 -22.83 -12.56 7.24
N ASN A 49 -23.42 -13.75 7.43
CA ASN A 49 -23.41 -14.49 8.69
C ASN A 49 -21.97 -14.98 9.00
N LEU A 50 -21.33 -15.62 7.98
CA LEU A 50 -19.96 -16.14 8.03
C LEU A 50 -18.96 -15.06 8.47
N ALA A 51 -19.06 -13.87 7.85
CA ALA A 51 -18.23 -12.69 8.13
C ALA A 51 -18.28 -12.23 9.59
N ASP A 52 -19.49 -12.24 10.19
CA ASP A 52 -19.75 -11.82 11.56
C ASP A 52 -19.30 -12.91 12.53
N ARG A 53 -19.30 -14.17 12.05
CA ARG A 53 -18.84 -15.31 12.82
C ARG A 53 -17.31 -15.24 12.88
N GLU A 54 -16.64 -14.92 11.75
CA GLU A 54 -15.18 -14.78 11.66
C GLU A 54 -14.66 -13.51 12.35
N LEU A 55 -15.53 -12.50 12.56
CA LEU A 55 -15.17 -11.28 13.28
C LEU A 55 -14.89 -11.54 14.75
N VAL A 56 -15.54 -12.58 15.33
CA VAL A 56 -15.37 -12.99 16.73
C VAL A 56 -13.98 -13.62 16.93
N HIS A 57 -13.59 -14.51 16.00
CA HIS A 57 -12.29 -15.17 16.04
C HIS A 57 -11.13 -14.21 15.67
N MET A 58 -11.44 -13.11 14.94
CA MET A 58 -10.47 -12.09 14.52
C MET A 58 -10.11 -11.16 15.68
N ILE A 59 -11.12 -10.70 16.48
CA ILE A 59 -10.91 -9.89 17.70
C ILE A 59 -10.01 -10.75 18.60
N ASN A 60 -10.38 -12.04 18.71
CA ASN A 60 -9.67 -13.06 19.46
C ASN A 60 -8.22 -13.18 18.99
N TRP A 61 -8.01 -13.26 17.66
CA TRP A 61 -6.70 -13.32 17.03
C TRP A 61 -5.92 -12.02 17.31
N ALA A 62 -6.61 -10.85 17.23
CA ALA A 62 -6.04 -9.52 17.42
C ALA A 62 -5.38 -9.39 18.78
N LYS A 63 -6.00 -9.94 19.83
CA LYS A 63 -5.48 -9.89 21.22
C LYS A 63 -4.14 -10.63 21.38
N ARG A 64 -3.97 -11.75 20.63
CA ARG A 64 -2.75 -12.57 20.66
C ARG A 64 -1.60 -12.00 19.80
N VAL A 65 -1.89 -11.03 18.90
CA VAL A 65 -0.90 -10.37 18.05
C VAL A 65 0.09 -9.63 18.96
N PRO A 66 1.39 -10.04 18.98
CA PRO A 66 2.35 -9.42 19.91
C PRO A 66 2.34 -7.91 19.87
N GLY A 67 2.05 -7.31 21.02
CA GLY A 67 2.01 -5.87 21.20
C GLY A 67 0.65 -5.19 21.05
N PHE A 68 -0.40 -5.96 20.67
CA PHE A 68 -1.75 -5.40 20.48
C PHE A 68 -2.44 -5.03 21.78
N VAL A 69 -2.38 -5.93 22.77
CA VAL A 69 -3.00 -5.73 24.08
C VAL A 69 -2.36 -4.53 24.83
N ASP A 70 -1.08 -4.19 24.51
CA ASP A 70 -0.34 -3.06 25.09
C ASP A 70 -1.06 -1.71 24.84
N LEU A 71 -1.80 -1.61 23.72
CA LEU A 71 -2.53 -0.40 23.30
C LEU A 71 -3.74 -0.13 24.16
N THR A 72 -4.24 1.12 24.09
CA THR A 72 -5.43 1.51 24.82
C THR A 72 -6.65 0.92 24.10
N LEU A 73 -7.73 0.68 24.84
CA LEU A 73 -8.96 0.11 24.30
C LEU A 73 -9.58 0.94 23.19
N HIS A 74 -9.32 2.26 23.15
CA HIS A 74 -9.84 3.09 22.06
C HIS A 74 -9.08 2.78 20.76
N ASP A 75 -7.72 2.63 20.86
CA ASP A 75 -6.86 2.31 19.73
C ASP A 75 -7.21 0.92 19.17
N GLN A 76 -7.21 -0.12 20.02
CA GLN A 76 -7.59 -1.49 19.71
C GLN A 76 -8.93 -1.57 18.95
N VAL A 77 -9.91 -0.71 19.34
CA VAL A 77 -11.24 -0.67 18.72
C VAL A 77 -11.16 -0.07 17.29
N HIS A 78 -10.43 1.05 17.14
CA HIS A 78 -10.27 1.76 15.88
C HIS A 78 -9.45 0.99 14.84
N LEU A 79 -8.41 0.26 15.28
CA LEU A 79 -7.64 -0.59 14.38
C LEU A 79 -8.52 -1.69 13.81
N LEU A 80 -9.35 -2.31 14.65
CA LEU A 80 -10.25 -3.36 14.19
C LEU A 80 -11.41 -2.79 13.38
N GLU A 81 -11.85 -1.57 13.72
CA GLU A 81 -12.90 -0.82 13.03
C GLU A 81 -12.48 -0.63 11.54
N SER A 82 -11.16 -0.35 11.30
CA SER A 82 -10.53 -0.08 10.00
C SER A 82 -10.07 -1.31 9.21
N ALA A 83 -9.46 -2.28 9.91
CA ALA A 83 -8.87 -3.45 9.29
C ALA A 83 -9.78 -4.65 9.12
N TRP A 84 -10.92 -4.73 9.86
CA TRP A 84 -11.80 -5.90 9.85
C TRP A 84 -12.09 -6.52 8.46
N LEU A 85 -12.41 -5.72 7.40
CA LEU A 85 -12.67 -6.32 6.08
C LEU A 85 -11.37 -6.69 5.32
N GLU A 86 -10.29 -5.93 5.55
CA GLU A 86 -8.95 -6.17 4.99
C GLU A 86 -8.48 -7.53 5.53
N ILE A 87 -8.63 -7.77 6.87
CA ILE A 87 -8.24 -9.02 7.55
C ILE A 87 -9.03 -10.19 7.01
N LEU A 88 -10.33 -9.99 6.76
CA LEU A 88 -11.18 -11.04 6.19
C LEU A 88 -10.73 -11.40 4.80
N MET A 89 -10.59 -10.36 3.94
CA MET A 89 -10.16 -10.46 2.55
C MET A 89 -8.77 -11.13 2.37
N ILE A 90 -7.73 -10.74 3.17
CA ILE A 90 -6.40 -11.36 3.03
C ILE A 90 -6.42 -12.86 3.42
N GLY A 91 -7.26 -13.19 4.41
CA GLY A 91 -7.46 -14.55 4.86
C GLY A 91 -8.16 -15.36 3.79
N LEU A 92 -9.15 -14.74 3.12
CA LEU A 92 -9.92 -15.36 2.03
C LEU A 92 -9.06 -15.69 0.83
N VAL A 93 -8.16 -14.75 0.45
CA VAL A 93 -7.21 -14.86 -0.68
C VAL A 93 -6.24 -16.01 -0.43
N TRP A 94 -5.83 -16.18 0.84
CA TRP A 94 -4.97 -17.27 1.32
C TRP A 94 -5.69 -18.62 1.18
N ARG A 95 -6.98 -18.69 1.58
CA ARG A 95 -7.80 -19.91 1.46
C ARG A 95 -8.02 -20.32 -0.01
N SER A 96 -8.08 -19.34 -0.93
CA SER A 96 -8.36 -19.57 -2.35
C SER A 96 -7.10 -19.56 -3.23
N MET A 97 -5.92 -19.61 -2.60
CA MET A 97 -4.64 -19.57 -3.31
C MET A 97 -4.40 -20.86 -4.12
N GLU A 98 -4.87 -22.01 -3.62
CA GLU A 98 -4.68 -23.30 -4.29
C GLU A 98 -5.93 -23.76 -5.07
N HIS A 99 -6.95 -22.89 -5.10
CA HIS A 99 -8.23 -23.10 -5.79
C HIS A 99 -8.40 -22.04 -6.88
N PRO A 100 -7.64 -22.12 -8.01
CA PRO A 100 -7.72 -21.06 -9.03
C PRO A 100 -9.10 -20.87 -9.65
N GLY A 101 -9.45 -19.62 -9.90
CA GLY A 101 -10.74 -19.23 -10.48
C GLY A 101 -11.93 -19.31 -9.54
N LYS A 102 -11.70 -19.73 -8.28
CA LYS A 102 -12.73 -19.89 -7.24
C LYS A 102 -12.34 -19.21 -5.92
N LEU A 103 -13.36 -18.93 -5.05
CA LEU A 103 -13.13 -18.32 -3.73
C LEU A 103 -13.62 -19.22 -2.59
N LEU A 104 -12.69 -19.69 -1.75
CA LEU A 104 -12.99 -20.56 -0.60
C LEU A 104 -13.29 -19.73 0.66
N PHE A 105 -14.57 -19.35 0.83
CA PHE A 105 -15.05 -18.59 1.99
C PHE A 105 -15.11 -19.47 3.25
N ALA A 106 -15.35 -20.80 3.05
CA ALA A 106 -15.45 -21.89 4.03
C ALA A 106 -15.33 -23.23 3.24
N PRO A 107 -14.88 -24.38 3.83
CA PRO A 107 -14.83 -25.63 3.04
C PRO A 107 -16.21 -26.10 2.55
N ASN A 108 -17.28 -25.67 3.22
CA ASN A 108 -18.65 -25.96 2.79
C ASN A 108 -19.16 -24.90 1.77
N LEU A 109 -18.29 -23.93 1.37
CA LEU A 109 -18.64 -22.85 0.45
C LEU A 109 -17.48 -22.33 -0.43
N LEU A 110 -17.38 -22.87 -1.66
CA LEU A 110 -16.42 -22.48 -2.68
C LEU A 110 -17.19 -21.91 -3.90
N LEU A 111 -16.95 -20.61 -4.24
CA LEU A 111 -17.61 -19.90 -5.34
C LEU A 111 -16.71 -19.66 -6.57
N GLY A 121 -22.44 -4.82 -6.11
CA GLY A 121 -21.22 -4.77 -6.91
C GLY A 121 -20.18 -5.83 -6.59
N MET A 122 -20.63 -6.96 -5.98
CA MET A 122 -19.84 -8.12 -5.55
C MET A 122 -19.02 -8.79 -6.69
N VAL A 123 -19.57 -8.77 -7.92
CA VAL A 123 -18.96 -9.33 -9.13
C VAL A 123 -17.57 -8.72 -9.36
N GLU A 124 -17.46 -7.39 -9.12
CA GLU A 124 -16.27 -6.55 -9.25
C GLU A 124 -15.25 -6.87 -8.15
N ILE A 125 -15.74 -7.03 -6.88
CA ILE A 125 -14.96 -7.37 -5.68
C ILE A 125 -14.34 -8.78 -5.78
N PHE A 126 -15.17 -9.78 -6.21
CA PHE A 126 -14.75 -11.17 -6.45
C PHE A 126 -13.62 -11.22 -7.45
N ASP A 127 -13.76 -10.45 -8.57
CA ASP A 127 -12.80 -10.30 -9.67
C ASP A 127 -11.46 -9.78 -9.15
N MET A 128 -11.50 -8.75 -8.27
CA MET A 128 -10.31 -8.15 -7.65
C MET A 128 -9.66 -9.08 -6.62
N LEU A 129 -10.48 -9.83 -5.84
CA LEU A 129 -10.01 -10.78 -4.84
C LEU A 129 -9.28 -11.94 -5.51
N LEU A 130 -9.86 -12.52 -6.58
CA LEU A 130 -9.27 -13.64 -7.32
C LEU A 130 -7.87 -13.27 -7.84
N ALA A 131 -7.73 -12.05 -8.42
CA ALA A 131 -6.49 -11.48 -8.93
C ALA A 131 -5.40 -11.44 -7.84
N THR A 132 -5.81 -11.16 -6.59
CA THR A 132 -4.92 -11.11 -5.42
C THR A 132 -4.40 -12.52 -5.08
N SER A 133 -5.26 -13.57 -5.21
CA SER A 133 -4.89 -14.98 -4.99
C SER A 133 -3.95 -15.39 -6.11
N SER A 134 -4.34 -15.03 -7.36
CA SER A 134 -3.61 -15.24 -8.61
C SER A 134 -2.17 -14.69 -8.43
N ARG A 135 -2.05 -13.46 -7.88
CA ARG A 135 -0.78 -12.79 -7.60
C ARG A 135 0.00 -13.46 -6.46
N PHE A 136 -0.70 -13.89 -5.37
CA PHE A 136 -0.07 -14.54 -4.23
C PHE A 136 0.40 -15.96 -4.53
N ARG A 137 -0.18 -16.57 -5.59
CA ARG A 137 0.14 -17.88 -6.14
C ARG A 137 1.45 -17.72 -6.96
N MET A 138 1.43 -16.78 -7.94
CA MET A 138 2.55 -16.44 -8.82
C MET A 138 3.81 -16.05 -8.04
N MET A 139 3.60 -15.52 -6.82
CA MET A 139 4.66 -15.09 -5.92
C MET A 139 5.04 -16.15 -4.85
N ASN A 140 4.36 -17.33 -4.85
CA ASN A 140 4.57 -18.42 -3.90
C ASN A 140 4.53 -17.90 -2.44
N LEU A 141 3.37 -17.34 -2.05
CA LEU A 141 3.24 -16.80 -0.70
C LEU A 141 3.33 -17.93 0.33
N GLN A 142 4.29 -17.83 1.26
CA GLN A 142 4.52 -18.81 2.32
C GLN A 142 3.79 -18.39 3.58
N GLY A 143 3.17 -19.35 4.27
CA GLY A 143 2.38 -19.15 5.49
C GLY A 143 2.99 -18.27 6.56
N GLU A 144 4.31 -18.37 6.76
CA GLU A 144 5.09 -17.60 7.71
C GLU A 144 5.06 -16.11 7.32
N GLU A 145 5.03 -15.83 6.00
CA GLU A 145 4.95 -14.48 5.42
C GLU A 145 3.50 -13.95 5.53
N PHE A 146 2.50 -14.83 5.35
CA PHE A 146 1.09 -14.49 5.43
C PHE A 146 0.65 -14.00 6.83
N VAL A 147 1.11 -14.68 7.88
CA VAL A 147 0.77 -14.30 9.25
C VAL A 147 1.43 -12.95 9.58
N CYS A 148 2.60 -12.67 8.98
CA CYS A 148 3.34 -11.40 9.14
C CYS A 148 2.58 -10.25 8.52
N LEU A 149 2.05 -10.45 7.30
CA LEU A 149 1.27 -9.45 6.57
C LEU A 149 -0.07 -9.14 7.25
N LYS A 150 -0.74 -10.16 7.82
CA LYS A 150 -2.02 -10.00 8.54
C LYS A 150 -1.87 -9.03 9.73
N SER A 151 -0.74 -9.12 10.44
CA SER A 151 -0.40 -8.24 11.56
C SER A 151 -0.08 -6.84 11.05
N ILE A 152 0.55 -6.74 9.88
CA ILE A 152 0.88 -5.45 9.26
C ILE A 152 -0.42 -4.77 8.87
N ILE A 153 -1.37 -5.49 8.23
CA ILE A 153 -2.68 -4.90 7.85
C ILE A 153 -3.41 -4.33 9.08
N LEU A 154 -3.38 -5.06 10.21
CA LEU A 154 -4.03 -4.65 11.45
C LEU A 154 -3.39 -3.40 12.04
N LEU A 155 -2.09 -3.50 12.33
CA LEU A 155 -1.32 -2.45 12.97
C LEU A 155 -0.98 -1.26 12.08
N ASN A 156 -1.11 -1.37 10.74
CA ASN A 156 -0.82 -0.24 9.86
C ASN A 156 -2.04 0.55 9.43
N SER A 157 -3.20 -0.10 9.31
CA SER A 157 -4.46 0.55 8.95
C SER A 157 -5.00 1.34 10.17
N GLY A 158 -4.30 2.43 10.50
CA GLY A 158 -4.56 3.31 11.63
C GLY A 158 -3.31 4.02 12.11
N HIS A 175 4.88 3.03 19.81
CA HIS A 175 4.91 1.59 20.09
C HIS A 175 4.40 0.76 18.90
N ILE A 176 3.49 1.34 18.10
CA ILE A 176 2.94 0.69 16.91
C ILE A 176 4.04 0.55 15.83
N HIS A 177 4.83 1.61 15.59
CA HIS A 177 5.93 1.62 14.63
C HIS A 177 7.04 0.63 15.02
N ARG A 178 7.36 0.52 16.35
CA ARG A 178 8.36 -0.40 16.90
C ARG A 178 8.01 -1.87 16.62
N VAL A 179 6.71 -2.22 16.79
CA VAL A 179 6.14 -3.56 16.52
C VAL A 179 6.13 -3.76 15.01
N LEU A 180 5.72 -2.73 14.23
CA LEU A 180 5.68 -2.80 12.76
C LEU A 180 7.07 -3.03 12.17
N ASP A 181 8.11 -2.45 12.81
CA ASP A 181 9.51 -2.65 12.43
C ASP A 181 9.92 -4.09 12.78
N LYS A 182 9.48 -4.60 13.96
CA LYS A 182 9.74 -5.97 14.43
C LYS A 182 9.14 -7.03 13.46
N ILE A 183 7.91 -6.79 12.94
CA ILE A 183 7.25 -7.68 11.96
C ILE A 183 7.96 -7.55 10.60
N THR A 184 8.51 -6.33 10.31
CA THR A 184 9.29 -6.10 9.10
C THR A 184 10.52 -7.00 9.18
N ASP A 185 11.29 -6.85 10.29
CA ASP A 185 12.49 -7.63 10.61
C ASP A 185 12.22 -9.13 10.41
N THR A 186 11.10 -9.64 10.97
CA THR A 186 10.64 -11.02 10.89
C THR A 186 10.49 -11.47 9.42
N LEU A 187 9.79 -10.69 8.57
CA LEU A 187 9.61 -10.97 7.14
C LEU A 187 10.96 -11.05 6.44
N ILE A 188 11.89 -10.12 6.81
CA ILE A 188 13.25 -10.00 6.26
C ILE A 188 14.14 -11.19 6.70
N HIS A 189 14.01 -11.61 7.97
CA HIS A 189 14.76 -12.72 8.58
C HIS A 189 14.41 -14.04 7.92
N LEU A 190 13.13 -14.26 7.62
CA LEU A 190 12.66 -15.50 7.00
C LEU A 190 13.14 -15.61 5.54
N MET A 191 13.25 -14.47 4.83
CA MET A 191 13.75 -14.38 3.46
C MET A 191 15.26 -14.65 3.47
N ALA A 192 15.93 -14.30 4.58
CA ALA A 192 17.36 -14.56 4.80
C ALA A 192 17.55 -16.03 5.17
N LYS A 193 16.67 -16.56 6.07
CA LYS A 193 16.63 -17.95 6.54
C LYS A 193 16.52 -18.86 5.33
N ALA A 194 15.63 -18.50 4.39
CA ALA A 194 15.39 -19.20 3.12
C ALA A 194 16.66 -19.18 2.24
N GLY A 195 17.48 -18.14 2.36
CA GLY A 195 18.73 -18.02 1.63
C GLY A 195 18.75 -17.08 0.45
N LEU A 196 17.68 -16.26 0.29
CA LEU A 196 17.58 -15.29 -0.81
C LEU A 196 18.59 -14.15 -0.66
N THR A 197 18.99 -13.54 -1.78
CA THR A 197 19.95 -12.44 -1.77
C THR A 197 19.28 -11.15 -1.31
N LEU A 198 20.08 -10.16 -0.83
CA LEU A 198 19.58 -8.86 -0.39
C LEU A 198 18.79 -8.15 -1.47
N GLN A 199 19.23 -8.23 -2.74
CA GLN A 199 18.50 -7.63 -3.86
C GLN A 199 17.11 -8.27 -3.98
N GLN A 200 17.01 -9.61 -3.84
CA GLN A 200 15.75 -10.36 -3.90
C GLN A 200 14.89 -10.16 -2.67
N GLN A 201 15.53 -10.07 -1.48
CA GLN A 201 14.86 -9.81 -0.20
C GLN A 201 14.07 -8.51 -0.35
N HIS A 202 14.78 -7.41 -0.70
CA HIS A 202 14.22 -6.09 -0.93
C HIS A 202 13.06 -6.16 -1.90
N GLN A 203 13.24 -6.92 -3.01
CA GLN A 203 12.21 -7.12 -4.04
C GLN A 203 10.97 -7.81 -3.48
N ARG A 204 11.16 -8.88 -2.68
CA ARG A 204 10.06 -9.63 -2.08
C ARG A 204 9.32 -8.79 -1.04
N LEU A 205 10.06 -8.08 -0.16
CA LEU A 205 9.50 -7.21 0.88
C LEU A 205 8.61 -6.16 0.27
N ALA A 206 9.12 -5.44 -0.74
CA ALA A 206 8.40 -4.38 -1.41
C ALA A 206 7.20 -4.86 -2.20
N GLN A 207 7.39 -5.87 -3.07
CA GLN A 207 6.30 -6.39 -3.89
C GLN A 207 5.13 -6.90 -3.06
N LEU A 208 5.40 -7.39 -1.82
CA LEU A 208 4.40 -7.91 -0.86
C LEU A 208 3.56 -6.81 -0.23
N LEU A 209 4.22 -5.76 0.31
CA LEU A 209 3.58 -4.62 0.97
C LEU A 209 2.77 -3.79 -0.02
N LEU A 210 3.17 -3.76 -1.30
CA LEU A 210 2.41 -3.05 -2.32
C LEU A 210 1.04 -3.71 -2.64
N ILE A 211 0.90 -5.01 -2.32
CA ILE A 211 -0.35 -5.77 -2.45
C ILE A 211 -1.31 -5.32 -1.32
N LEU A 212 -0.73 -4.78 -0.20
CA LEU A 212 -1.50 -4.29 0.94
C LEU A 212 -2.31 -3.05 0.56
N SER A 213 -1.81 -2.25 -0.39
CA SER A 213 -2.49 -1.05 -0.89
C SER A 213 -3.68 -1.45 -1.76
N HIS A 214 -3.56 -2.59 -2.46
CA HIS A 214 -4.63 -3.15 -3.30
C HIS A 214 -5.71 -3.72 -2.40
N ILE A 215 -5.30 -4.31 -1.26
CA ILE A 215 -6.19 -4.88 -0.24
C ILE A 215 -7.09 -3.78 0.36
N ARG A 216 -6.54 -2.56 0.59
CA ARG A 216 -7.30 -1.42 1.11
C ARG A 216 -8.33 -0.95 0.09
N HIS A 217 -7.93 -0.86 -1.20
CA HIS A 217 -8.83 -0.47 -2.28
C HIS A 217 -10.10 -1.37 -2.25
N MET A 218 -9.87 -2.70 -2.21
CA MET A 218 -10.91 -3.72 -2.14
C MET A 218 -11.78 -3.50 -0.89
N SER A 219 -11.15 -3.19 0.27
CA SER A 219 -11.85 -2.95 1.53
C SER A 219 -12.79 -1.77 1.37
N ASN A 220 -12.23 -0.61 0.95
CA ASN A 220 -12.92 0.67 0.69
C ASN A 220 -14.11 0.48 -0.23
N LYS A 221 -13.89 -0.15 -1.41
CA LYS A 221 -14.93 -0.44 -2.39
C LYS A 221 -16.07 -1.26 -1.79
N GLY A 222 -15.71 -2.34 -1.07
CA GLY A 222 -16.63 -3.23 -0.39
C GLY A 222 -17.42 -2.55 0.72
N MET A 223 -16.75 -1.71 1.53
CA MET A 223 -17.37 -0.95 2.63
C MET A 223 -18.32 0.11 2.13
N GLU A 224 -18.02 0.73 0.95
CA GLU A 224 -18.84 1.74 0.24
C GLU A 224 -20.19 1.10 -0.09
N HIS A 225 -20.14 -0.11 -0.67
CA HIS A 225 -21.29 -0.93 -1.04
C HIS A 225 -22.15 -1.35 0.17
N LEU A 226 -21.52 -1.63 1.33
CA LEU A 226 -22.22 -1.97 2.58
C LEU A 226 -22.62 -0.71 3.36
N SER B 10 17.06 -1.24 -17.97
CA SER B 10 18.34 -0.83 -18.58
C SER B 10 18.88 0.52 -18.03
N LEU B 11 18.76 0.73 -16.70
CA LEU B 11 19.19 1.95 -15.99
C LEU B 11 19.74 1.63 -14.61
N THR B 12 20.58 2.53 -14.06
CA THR B 12 21.16 2.38 -12.73
C THR B 12 20.37 3.26 -11.75
N ALA B 13 20.75 3.25 -10.45
CA ALA B 13 20.07 4.02 -9.42
C ALA B 13 20.12 5.52 -9.68
N ASP B 14 21.33 6.10 -9.74
CA ASP B 14 21.54 7.53 -10.00
C ASP B 14 20.93 7.98 -11.34
N GLN B 15 20.72 7.02 -12.27
CA GLN B 15 20.11 7.25 -13.59
C GLN B 15 18.60 7.28 -13.50
N MET B 16 18.00 6.53 -12.54
CA MET B 16 16.55 6.52 -12.36
C MET B 16 16.08 7.83 -11.73
N VAL B 17 16.71 8.23 -10.58
CA VAL B 17 16.40 9.49 -9.89
C VAL B 17 16.54 10.68 -10.81
N SER B 18 17.62 10.70 -11.62
CA SER B 18 17.92 11.73 -12.61
C SER B 18 16.77 11.87 -13.64
N ALA B 19 16.32 10.73 -14.20
CA ALA B 19 15.23 10.71 -15.18
C ALA B 19 14.00 11.32 -14.55
N LEU B 20 13.70 10.90 -13.31
CA LEU B 20 12.55 11.31 -12.50
C LEU B 20 12.57 12.78 -12.10
N LEU B 21 13.71 13.25 -11.53
CA LEU B 21 13.90 14.64 -11.09
C LEU B 21 13.73 15.65 -12.20
N ASP B 22 14.12 15.26 -13.41
CA ASP B 22 14.01 16.06 -14.62
C ASP B 22 12.56 16.07 -15.07
N ALA B 23 11.88 14.92 -14.97
CA ALA B 23 10.48 14.77 -15.35
C ALA B 23 9.52 15.50 -14.39
N GLU B 24 10.06 16.03 -13.26
CA GLU B 24 9.32 16.70 -12.17
C GLU B 24 8.44 17.86 -12.60
N PRO B 25 7.11 17.77 -12.35
CA PRO B 25 6.20 18.89 -12.73
C PRO B 25 6.45 20.17 -11.92
N PRO B 26 6.11 21.35 -12.49
CA PRO B 26 6.32 22.61 -11.74
C PRO B 26 5.29 22.88 -10.63
N ILE B 27 5.62 23.81 -9.71
CA ILE B 27 4.68 24.22 -8.67
C ILE B 27 3.86 25.35 -9.31
N LEU B 28 2.60 25.05 -9.64
CA LEU B 28 1.65 25.99 -10.26
C LEU B 28 0.98 26.92 -9.22
N TYR B 29 0.21 27.90 -9.69
CA TYR B 29 -0.52 28.86 -8.87
C TYR B 29 -2.02 28.74 -9.18
N SER B 30 -2.88 29.25 -8.27
CA SER B 30 -4.34 29.23 -8.45
C SER B 30 -4.89 30.56 -8.97
N MET B 44 -13.05 25.76 -3.52
CA MET B 44 -13.30 24.47 -4.17
C MET B 44 -13.24 24.55 -5.71
N GLY B 45 -13.69 25.68 -6.26
CA GLY B 45 -13.64 25.96 -7.69
C GLY B 45 -12.20 26.14 -8.12
N LEU B 46 -11.41 26.78 -7.22
CA LEU B 46 -9.97 27.01 -7.37
C LEU B 46 -9.31 25.65 -7.39
N LEU B 47 -9.53 24.87 -6.30
CA LEU B 47 -9.00 23.52 -6.10
C LEU B 47 -9.18 22.62 -7.33
N THR B 48 -10.34 22.72 -8.02
CA THR B 48 -10.57 21.93 -9.23
C THR B 48 -9.77 22.47 -10.43
N ASN B 49 -9.74 23.82 -10.65
CA ASN B 49 -8.97 24.40 -11.77
C ASN B 49 -7.48 24.10 -11.64
N LEU B 50 -6.98 24.07 -10.38
CA LEU B 50 -5.60 23.71 -10.03
C LEU B 50 -5.39 22.21 -10.31
N ALA B 51 -6.36 21.36 -9.90
CA ALA B 51 -6.29 19.91 -10.15
C ALA B 51 -6.21 19.60 -11.66
N ASP B 52 -7.11 20.24 -12.46
CA ASP B 52 -7.20 20.07 -13.91
C ASP B 52 -5.95 20.53 -14.64
N ARG B 53 -5.20 21.47 -14.01
CA ARG B 53 -3.94 22.00 -14.55
C ARG B 53 -2.74 21.16 -14.13
N GLU B 54 -2.75 20.65 -12.88
CA GLU B 54 -1.71 19.75 -12.34
C GLU B 54 -1.73 18.40 -13.09
N LEU B 55 -2.94 17.98 -13.53
CA LEU B 55 -3.20 16.75 -14.27
C LEU B 55 -2.42 16.67 -15.60
N VAL B 56 -2.35 17.81 -16.33
CA VAL B 56 -1.71 17.91 -17.64
C VAL B 56 -0.17 17.76 -17.52
N HIS B 57 0.42 18.30 -16.44
CA HIS B 57 1.85 18.18 -16.16
C HIS B 57 2.13 16.78 -15.65
N MET B 58 1.10 16.12 -15.08
CA MET B 58 1.17 14.76 -14.58
C MET B 58 1.21 13.78 -15.74
N ILE B 59 0.33 13.96 -16.78
CA ILE B 59 0.27 13.12 -17.99
C ILE B 59 1.67 13.12 -18.66
N ASN B 60 2.29 14.31 -18.75
CA ASN B 60 3.64 14.46 -19.29
C ASN B 60 4.67 13.81 -18.38
N TRP B 61 4.52 13.99 -17.05
CA TRP B 61 5.40 13.39 -16.04
C TRP B 61 5.32 11.85 -16.13
N ALA B 62 4.11 11.32 -16.35
CA ALA B 62 3.82 9.91 -16.48
C ALA B 62 4.54 9.40 -17.72
N LYS B 63 4.39 10.13 -18.87
CA LYS B 63 5.01 9.80 -20.17
C LYS B 63 6.53 9.73 -20.07
N ARG B 64 7.10 10.55 -19.18
CA ARG B 64 8.53 10.64 -18.92
C ARG B 64 9.03 9.66 -17.81
N VAL B 65 8.13 8.78 -17.28
CA VAL B 65 8.49 7.76 -16.27
C VAL B 65 9.26 6.66 -17.01
N PRO B 66 10.46 6.25 -16.54
CA PRO B 66 11.22 5.21 -17.26
C PRO B 66 10.49 3.86 -17.30
N GLY B 67 9.81 3.62 -18.42
CA GLY B 67 9.05 2.40 -18.71
C GLY B 67 7.57 2.56 -19.01
N PHE B 68 7.00 3.75 -18.74
CA PHE B 68 5.57 4.03 -18.92
C PHE B 68 5.08 4.12 -20.38
N VAL B 69 5.77 4.89 -21.24
CA VAL B 69 5.39 5.10 -22.66
C VAL B 69 5.29 3.75 -23.44
N ASP B 70 6.11 2.75 -23.02
CA ASP B 70 6.17 1.39 -23.57
C ASP B 70 4.79 0.70 -23.64
N LEU B 71 3.97 0.85 -22.59
CA LEU B 71 2.63 0.26 -22.49
C LEU B 71 1.69 0.86 -23.53
N THR B 72 0.67 0.10 -23.94
CA THR B 72 -0.32 0.56 -24.92
C THR B 72 -1.26 1.59 -24.28
N LEU B 73 -1.88 2.46 -25.13
CA LEU B 73 -2.78 3.54 -24.70
C LEU B 73 -3.90 3.13 -23.76
N HIS B 74 -4.47 1.92 -23.94
CA HIS B 74 -5.55 1.44 -23.06
C HIS B 74 -5.04 1.14 -21.65
N ASP B 75 -3.78 0.76 -21.54
CA ASP B 75 -3.16 0.44 -20.26
C ASP B 75 -2.67 1.67 -19.54
N GLN B 76 -1.99 2.58 -20.27
CA GLN B 76 -1.49 3.88 -19.82
C GLN B 76 -2.63 4.72 -19.22
N VAL B 77 -3.80 4.68 -19.86
CA VAL B 77 -5.00 5.40 -19.40
C VAL B 77 -5.51 4.76 -18.09
N HIS B 78 -5.53 3.41 -18.02
CA HIS B 78 -5.98 2.68 -16.83
C HIS B 78 -5.11 3.03 -15.63
N LEU B 79 -3.77 2.89 -15.77
CA LEU B 79 -2.80 3.22 -14.72
C LEU B 79 -2.92 4.65 -14.20
N LEU B 80 -3.38 5.60 -15.06
CA LEU B 80 -3.55 7.01 -14.73
C LEU B 80 -4.92 7.35 -14.18
N GLU B 81 -5.96 6.63 -14.60
CA GLU B 81 -7.30 6.84 -14.07
C GLU B 81 -7.36 6.28 -12.64
N SER B 82 -6.55 5.23 -12.39
CA SER B 82 -6.44 4.53 -11.10
C SER B 82 -5.58 5.25 -10.08
N ALA B 83 -4.67 6.14 -10.52
CA ALA B 83 -3.73 6.76 -9.59
C ALA B 83 -3.65 8.30 -9.56
N TRP B 84 -4.38 9.02 -10.46
CA TRP B 84 -4.29 10.50 -10.55
C TRP B 84 -4.61 11.25 -9.21
N LEU B 85 -5.57 10.78 -8.38
CA LEU B 85 -5.83 11.47 -7.11
C LEU B 85 -4.76 11.12 -6.02
N GLU B 86 -3.98 10.04 -6.20
CA GLU B 86 -2.95 9.68 -5.23
C GLU B 86 -1.74 10.56 -5.44
N ILE B 87 -1.37 10.78 -6.74
CA ILE B 87 -0.24 11.64 -7.20
C ILE B 87 -0.52 13.08 -6.74
N LEU B 88 -1.79 13.55 -6.95
CA LEU B 88 -2.21 14.89 -6.51
C LEU B 88 -2.08 15.02 -4.98
N MET B 89 -2.42 13.96 -4.23
CA MET B 89 -2.31 13.90 -2.78
C MET B 89 -0.90 13.83 -2.27
N ILE B 90 -0.03 12.98 -2.88
CA ILE B 90 1.37 12.88 -2.43
C ILE B 90 2.15 14.16 -2.75
N GLY B 91 1.83 14.79 -3.89
CA GLY B 91 2.45 16.04 -4.33
C GLY B 91 2.15 17.14 -3.32
N LEU B 92 0.86 17.23 -2.95
CA LEU B 92 0.32 18.17 -1.97
C LEU B 92 1.01 17.96 -0.63
N VAL B 93 1.03 16.70 -0.13
CA VAL B 93 1.67 16.32 1.13
C VAL B 93 3.20 16.63 1.12
N TRP B 94 3.83 16.55 -0.08
CA TRP B 94 5.24 16.87 -0.23
C TRP B 94 5.54 18.38 0.02
N ARG B 95 4.84 19.32 -0.70
CA ARG B 95 5.10 20.74 -0.52
C ARG B 95 4.65 21.30 0.83
N SER B 96 3.63 20.69 1.44
CA SER B 96 3.08 21.10 2.74
C SER B 96 3.98 20.67 3.91
N MET B 97 4.97 19.81 3.65
CA MET B 97 5.90 19.23 4.62
C MET B 97 6.55 20.26 5.59
N GLU B 98 7.15 21.33 5.02
CA GLU B 98 7.81 22.40 5.80
C GLU B 98 6.81 23.43 6.37
N HIS B 99 5.50 23.25 6.10
CA HIS B 99 4.41 24.11 6.60
C HIS B 99 3.51 23.31 7.56
N PRO B 100 3.94 23.17 8.86
CA PRO B 100 3.13 22.38 9.81
C PRO B 100 1.80 23.05 10.10
N GLY B 101 0.75 22.25 10.05
CA GLY B 101 -0.61 22.69 10.26
C GLY B 101 -1.27 23.20 9.00
N LYS B 102 -0.49 23.45 7.95
CA LYS B 102 -1.01 23.97 6.69
C LYS B 102 -0.81 23.01 5.50
N LEU B 103 -1.61 23.26 4.44
CA LEU B 103 -1.61 22.53 3.17
C LEU B 103 -1.42 23.54 2.03
N LEU B 104 -0.21 23.56 1.49
CA LEU B 104 0.20 24.42 0.39
C LEU B 104 -0.23 23.75 -0.91
N PHE B 105 -1.43 24.13 -1.42
CA PHE B 105 -1.97 23.59 -2.67
C PHE B 105 -1.21 24.22 -3.85
N ALA B 106 -0.90 25.53 -3.71
CA ALA B 106 -0.15 26.42 -4.60
C ALA B 106 0.54 27.46 -3.71
N PRO B 107 1.69 28.06 -4.12
CA PRO B 107 2.33 29.08 -3.26
C PRO B 107 1.42 30.26 -2.89
N ASN B 108 0.33 30.47 -3.66
CA ASN B 108 -0.68 31.51 -3.46
C ASN B 108 -2.00 30.94 -2.83
N LEU B 109 -1.98 29.67 -2.34
CA LEU B 109 -3.14 29.02 -1.77
C LEU B 109 -2.77 28.04 -0.65
N LEU B 110 -2.47 28.59 0.53
CA LEU B 110 -2.13 27.91 1.78
C LEU B 110 -3.43 27.74 2.60
N LEU B 111 -3.78 26.52 3.04
CA LEU B 111 -5.02 26.26 3.77
C LEU B 111 -4.79 25.55 5.12
N ASP B 112 -5.88 25.25 5.86
CA ASP B 112 -5.84 24.59 7.16
C ASP B 112 -7.10 23.75 7.47
N ARG B 113 -7.18 23.15 8.69
CA ARG B 113 -8.29 22.32 9.18
C ARG B 113 -9.66 23.06 9.17
N GLY B 121 -16.66 16.24 2.46
CA GLY B 121 -15.92 15.70 3.59
C GLY B 121 -14.45 16.06 3.58
N MET B 122 -14.18 17.32 3.26
CA MET B 122 -12.88 17.94 3.11
C MET B 122 -12.00 17.88 4.36
N VAL B 123 -12.55 18.26 5.55
CA VAL B 123 -11.82 18.34 6.83
C VAL B 123 -11.15 17.02 7.23
N GLU B 124 -11.84 15.87 7.10
CA GLU B 124 -11.22 14.60 7.48
C GLU B 124 -10.06 14.28 6.55
N ILE B 125 -10.25 14.50 5.22
CA ILE B 125 -9.23 14.30 4.18
C ILE B 125 -8.02 15.20 4.52
N PHE B 126 -8.29 16.49 4.84
CA PHE B 126 -7.31 17.51 5.22
C PHE B 126 -6.48 17.11 6.43
N ASP B 127 -7.09 16.44 7.42
CA ASP B 127 -6.41 15.95 8.62
C ASP B 127 -5.44 14.85 8.32
N MET B 128 -5.89 13.80 7.57
CA MET B 128 -5.11 12.65 7.08
C MET B 128 -3.94 13.21 6.24
N LEU B 129 -4.26 14.16 5.31
CA LEU B 129 -3.31 14.88 4.45
C LEU B 129 -2.27 15.58 5.32
N LEU B 130 -2.70 16.27 6.38
CA LEU B 130 -1.78 16.93 7.32
C LEU B 130 -0.96 15.91 8.14
N ALA B 131 -1.57 14.77 8.56
CA ALA B 131 -0.93 13.70 9.33
C ALA B 131 0.19 13.11 8.50
N THR B 132 -0.11 12.76 7.21
CA THR B 132 0.85 12.20 6.24
C THR B 132 2.06 13.11 6.12
N SER B 133 1.82 14.45 6.06
CA SER B 133 2.86 15.45 5.90
C SER B 133 3.72 15.53 7.13
N SER B 134 3.07 15.59 8.31
CA SER B 134 3.69 15.62 9.63
C SER B 134 4.69 14.48 9.70
N ARG B 135 4.24 13.28 9.25
CA ARG B 135 4.99 12.04 9.18
C ARG B 135 6.17 12.12 8.25
N PHE B 136 5.97 12.58 7.01
CA PHE B 136 7.00 12.70 5.98
C PHE B 136 8.14 13.58 6.45
N ARG B 137 7.80 14.69 7.15
CA ARG B 137 8.73 15.64 7.75
C ARG B 137 9.53 14.96 8.89
N MET B 138 8.82 14.22 9.78
CA MET B 138 9.41 13.48 10.91
C MET B 138 10.29 12.33 10.42
N MET B 139 10.04 11.86 9.19
CA MET B 139 10.80 10.81 8.55
C MET B 139 11.98 11.39 7.77
N ASN B 140 11.98 12.74 7.55
CA ASN B 140 12.98 13.49 6.78
C ASN B 140 13.11 12.95 5.34
N LEU B 141 11.96 12.64 4.71
CA LEU B 141 11.83 12.15 3.33
C LEU B 141 12.57 13.11 2.38
N GLN B 142 13.46 12.53 1.56
CA GLN B 142 14.25 13.27 0.57
C GLN B 142 13.53 13.33 -0.76
N GLY B 143 13.72 14.44 -1.49
CA GLY B 143 13.12 14.69 -2.80
C GLY B 143 13.35 13.59 -3.81
N GLU B 144 14.52 12.93 -3.73
CA GLU B 144 14.92 11.79 -4.56
C GLU B 144 14.10 10.55 -4.13
N GLU B 145 13.83 10.39 -2.81
CA GLU B 145 13.02 9.29 -2.28
C GLU B 145 11.55 9.48 -2.60
N PHE B 146 11.10 10.75 -2.64
CA PHE B 146 9.72 11.15 -2.99
C PHE B 146 9.34 10.81 -4.43
N VAL B 147 10.18 11.21 -5.43
CA VAL B 147 9.95 10.97 -6.87
C VAL B 147 9.82 9.46 -7.22
N CYS B 148 10.32 8.60 -6.32
CA CYS B 148 10.28 7.15 -6.43
C CYS B 148 8.91 6.62 -6.02
N LEU B 149 8.36 7.20 -4.94
CA LEU B 149 7.05 6.86 -4.37
C LEU B 149 5.96 7.34 -5.33
N LYS B 150 6.16 8.54 -5.91
CA LYS B 150 5.26 9.14 -6.88
C LYS B 150 5.15 8.19 -8.09
N SER B 151 6.28 7.57 -8.51
CA SER B 151 6.25 6.60 -9.60
C SER B 151 5.63 5.26 -9.16
N ILE B 152 5.98 4.76 -7.93
CA ILE B 152 5.39 3.53 -7.36
C ILE B 152 3.85 3.65 -7.37
N ILE B 153 3.30 4.77 -6.83
CA ILE B 153 1.87 5.10 -6.81
C ILE B 153 1.23 4.91 -8.20
N LEU B 154 1.91 5.33 -9.30
CA LEU B 154 1.43 5.22 -10.69
C LEU B 154 1.47 3.77 -11.24
N LEU B 155 2.66 3.11 -11.15
CA LEU B 155 2.85 1.75 -11.67
C LEU B 155 2.16 0.68 -10.83
N ASN B 156 2.03 0.88 -9.51
CA ASN B 156 1.39 -0.09 -8.62
C ASN B 156 -0.13 -0.02 -8.68
N SER B 157 -0.73 1.14 -8.39
CA SER B 157 -2.20 1.28 -8.40
C SER B 157 -2.79 1.05 -9.80
N GLY B 158 -3.27 -0.18 -10.04
CA GLY B 158 -3.86 -0.63 -11.30
C GLY B 158 -3.05 -1.71 -12.01
N THR B 166 -5.93 -11.51 -22.27
CA THR B 166 -5.12 -11.34 -23.48
C THR B 166 -3.62 -11.59 -23.18
N LEU B 167 -2.74 -11.42 -24.19
CA LEU B 167 -1.28 -11.57 -24.09
C LEU B 167 -0.63 -10.26 -23.71
N LYS B 168 -1.07 -9.14 -24.34
CA LYS B 168 -0.61 -7.77 -24.14
C LYS B 168 -0.68 -7.46 -22.64
N SER B 169 -1.84 -7.75 -22.01
CA SER B 169 -2.13 -7.58 -20.58
C SER B 169 -1.16 -8.37 -19.69
N LEU B 170 -0.99 -9.68 -19.94
CA LEU B 170 -0.10 -10.54 -19.15
C LEU B 170 1.38 -10.18 -19.32
N GLU B 171 1.74 -9.51 -20.43
CA GLU B 171 3.12 -9.08 -20.71
C GLU B 171 3.42 -7.66 -20.22
N GLU B 172 2.40 -6.75 -20.24
CA GLU B 172 2.50 -5.36 -19.76
C GLU B 172 2.68 -5.35 -18.26
N LYS B 173 1.84 -6.13 -17.54
CA LYS B 173 1.85 -6.31 -16.09
C LYS B 173 3.19 -6.91 -15.59
N ASP B 174 3.80 -7.78 -16.40
CA ASP B 174 5.08 -8.41 -16.08
C ASP B 174 6.20 -7.36 -16.09
N HIS B 175 6.20 -6.49 -17.13
CA HIS B 175 7.15 -5.39 -17.33
C HIS B 175 6.94 -4.32 -16.25
N ILE B 176 5.67 -4.09 -15.84
CA ILE B 176 5.28 -3.13 -14.78
C ILE B 176 5.93 -3.55 -13.46
N HIS B 177 5.93 -4.86 -13.16
CA HIS B 177 6.54 -5.40 -11.95
C HIS B 177 8.03 -5.37 -12.04
N ARG B 178 8.57 -5.46 -13.28
CA ARG B 178 10.00 -5.37 -13.57
C ARG B 178 10.45 -3.95 -13.19
N VAL B 179 9.77 -2.90 -13.75
CA VAL B 179 10.00 -1.48 -13.46
C VAL B 179 9.93 -1.23 -11.93
N LEU B 180 8.83 -1.67 -11.26
CA LEU B 180 8.63 -1.54 -9.82
C LEU B 180 9.79 -2.16 -8.99
N ASP B 181 10.43 -3.25 -9.51
CA ASP B 181 11.59 -3.90 -8.88
C ASP B 181 12.82 -2.99 -9.04
N LYS B 182 12.96 -2.34 -10.22
CA LYS B 182 14.05 -1.41 -10.52
C LYS B 182 14.01 -0.30 -9.46
N ILE B 183 12.83 0.38 -9.33
CA ILE B 183 12.56 1.46 -8.37
C ILE B 183 12.80 1.05 -6.88
N THR B 184 12.45 -0.20 -6.48
CA THR B 184 12.71 -0.64 -5.09
C THR B 184 14.20 -0.57 -4.77
N ASP B 185 15.04 -1.13 -5.69
CA ASP B 185 16.49 -1.16 -5.51
C ASP B 185 17.13 0.20 -5.83
N THR B 186 16.37 1.13 -6.48
CA THR B 186 16.80 2.52 -6.72
C THR B 186 16.71 3.19 -5.34
N LEU B 187 15.54 3.04 -4.65
CA LEU B 187 15.28 3.55 -3.30
C LEU B 187 16.26 2.97 -2.29
N ILE B 188 16.53 1.65 -2.36
CA ILE B 188 17.48 0.99 -1.46
C ILE B 188 18.89 1.58 -1.61
N HIS B 189 19.30 1.89 -2.87
CA HIS B 189 20.59 2.50 -3.17
C HIS B 189 20.65 3.90 -2.57
N LEU B 190 19.59 4.73 -2.77
CA LEU B 190 19.47 6.10 -2.23
C LEU B 190 19.72 6.08 -0.74
N MET B 191 19.09 5.12 -0.04
CA MET B 191 19.23 4.87 1.39
C MET B 191 20.65 4.42 1.75
N ALA B 192 21.25 3.52 0.93
CA ALA B 192 22.62 3.00 1.12
C ALA B 192 23.66 4.14 0.99
N LYS B 193 23.53 4.96 -0.08
CA LYS B 193 24.34 6.16 -0.42
C LYS B 193 24.13 7.24 0.66
N ALA B 194 23.08 7.10 1.49
CA ALA B 194 22.76 8.00 2.61
C ALA B 194 23.27 7.41 3.95
N GLY B 195 24.18 6.42 3.85
CA GLY B 195 24.85 5.74 4.96
C GLY B 195 24.03 4.97 5.96
N LEU B 196 22.79 4.59 5.60
CA LEU B 196 21.88 3.82 6.47
C LEU B 196 22.42 2.39 6.58
N THR B 197 22.22 1.72 7.73
CA THR B 197 22.66 0.32 7.92
C THR B 197 21.78 -0.62 7.08
N LEU B 198 22.10 -1.91 7.04
CA LEU B 198 21.26 -2.84 6.29
C LEU B 198 19.85 -2.94 6.87
N GLN B 199 19.73 -2.87 8.22
CA GLN B 199 18.44 -2.91 8.93
C GLN B 199 17.63 -1.64 8.64
N GLN B 200 18.23 -0.45 8.85
CA GLN B 200 17.60 0.85 8.61
C GLN B 200 16.98 0.91 7.20
N GLN B 201 17.74 0.46 6.18
CA GLN B 201 17.35 0.39 4.77
C GLN B 201 16.03 -0.37 4.55
N HIS B 202 15.89 -1.54 5.22
CA HIS B 202 14.68 -2.37 5.16
C HIS B 202 13.55 -1.65 5.92
N GLN B 203 13.86 -1.18 7.13
CA GLN B 203 12.91 -0.53 8.05
C GLN B 203 12.33 0.78 7.52
N ARG B 204 13.02 1.45 6.58
CA ARG B 204 12.55 2.69 5.98
C ARG B 204 11.78 2.39 4.71
N LEU B 205 12.20 1.35 3.96
CA LEU B 205 11.52 0.96 2.73
C LEU B 205 10.09 0.57 3.04
N ALA B 206 9.91 -0.25 4.09
CA ALA B 206 8.60 -0.71 4.57
C ALA B 206 7.78 0.47 5.09
N GLN B 207 8.44 1.40 5.81
CA GLN B 207 7.79 2.59 6.34
C GLN B 207 7.18 3.47 5.24
N LEU B 208 7.89 3.65 4.11
CA LEU B 208 7.39 4.43 2.98
C LEU B 208 6.24 3.73 2.24
N LEU B 209 6.39 2.41 1.94
CA LEU B 209 5.38 1.64 1.23
C LEU B 209 4.11 1.45 2.05
N LEU B 210 4.24 1.47 3.38
CA LEU B 210 3.09 1.38 4.27
C LEU B 210 2.29 2.68 4.29
N ILE B 211 2.94 3.85 4.02
CA ILE B 211 2.28 5.17 3.88
C ILE B 211 1.43 5.15 2.60
N LEU B 212 1.89 4.40 1.58
CA LEU B 212 1.24 4.31 0.27
C LEU B 212 -0.09 3.55 0.27
N SER B 213 -0.46 3.01 1.44
CA SER B 213 -1.71 2.29 1.65
C SER B 213 -2.74 3.35 2.11
N HIS B 214 -2.29 4.26 2.98
CA HIS B 214 -3.05 5.37 3.53
C HIS B 214 -3.41 6.37 2.46
N ILE B 215 -2.47 6.62 1.52
CA ILE B 215 -2.67 7.56 0.41
C ILE B 215 -3.74 7.01 -0.52
N ARG B 216 -3.75 5.67 -0.72
CA ARG B 216 -4.78 4.99 -1.52
C ARG B 216 -6.10 5.17 -0.79
N HIS B 217 -6.05 5.08 0.56
CA HIS B 217 -7.20 5.19 1.44
C HIS B 217 -7.81 6.56 1.35
N MET B 218 -6.97 7.62 1.42
CA MET B 218 -7.41 9.03 1.31
C MET B 218 -7.91 9.30 -0.10
N SER B 219 -7.23 8.73 -1.12
CA SER B 219 -7.58 8.84 -2.54
C SER B 219 -9.00 8.36 -2.74
N ASN B 220 -9.28 7.10 -2.35
CA ASN B 220 -10.58 6.44 -2.46
C ASN B 220 -11.69 7.10 -1.63
N LYS B 221 -11.36 7.51 -0.40
CA LYS B 221 -12.30 8.18 0.50
C LYS B 221 -12.67 9.56 -0.02
N GLY B 222 -11.85 10.09 -0.93
CA GLY B 222 -12.01 11.39 -1.58
C GLY B 222 -12.85 11.30 -2.84
N MET B 223 -12.62 10.22 -3.63
CA MET B 223 -13.36 9.92 -4.87
C MET B 223 -14.84 9.69 -4.51
N GLU B 224 -15.08 9.17 -3.27
CA GLU B 224 -16.39 8.93 -2.69
C GLU B 224 -17.17 10.24 -2.70
N HIS B 225 -16.61 11.30 -2.05
CA HIS B 225 -17.23 12.62 -1.96
C HIS B 225 -17.31 13.34 -3.29
N LEU B 226 -16.37 13.10 -4.21
CA LEU B 226 -16.39 13.72 -5.54
C LEU B 226 -17.65 13.28 -6.29
N TYR B 227 -17.84 11.96 -6.46
CA TYR B 227 -19.00 11.31 -7.08
C TYR B 227 -20.34 11.77 -6.45
C1 782 C . -16.30 -13.65 4.64
C2 782 C . -14.92 -13.72 4.36
C3 782 C . -14.32 -12.84 3.42
O1 782 C . -14.17 -14.64 5.03
O2 782 C . -22.04 -5.95 8.01
O3 782 C . -22.65 -7.90 8.98
C11 782 C . -17.79 -7.53 1.43
C12 782 C . -18.59 -6.56 0.76
C13 782 C . -18.92 -6.77 -0.60
C14 782 C . -18.48 -7.97 -1.24
C15 782 C . -17.69 -8.93 -0.56
C16 782 C . -19.76 -5.71 -1.31
C17 782 C . -19.24 -5.32 -2.71
C18 782 C . -21.26 -6.07 -1.33
C19 782 C . -18.48 -10.12 3.21
C20 782 C . -19.90 -10.15 3.07
C21 782 C . -20.75 -9.51 4.01
C22 782 C . -20.21 -8.81 5.11
C23 782 C . -18.79 -8.69 5.20
C24 782 C . -17.96 -9.36 4.29
C25 782 C . -18.18 -11.65 1.15
C26 782 C . -21.08 -8.08 6.05
C27 782 C . -20.93 -7.95 7.38
C28 782 C . -21.89 -7.16 8.12
C4 782 C . -15.14 -11.89 2.74
C5 782 C . -16.56 -11.80 3.01
C6 782 C . -17.12 -12.71 3.96
C7 782 C . -14.47 -10.94 1.77
C8 782 C . -15.44 -10.15 0.87
N1 782 C . -16.64 -9.67 1.59
C9 782 C . -17.47 -10.77 2.23
C10 782 C . -17.33 -8.72 0.79
C1 782 D . -5.04 19.89 -5.69
C2 782 D . -3.97 19.13 -5.18
C3 782 D . -4.22 18.07 -4.27
O1 782 D . -2.70 19.42 -5.58
O2 782 D . -13.58 16.93 -10.73
O3 782 D . -11.84 17.68 -11.97
C11 782 D . -10.55 16.09 -3.31
C12 782 D . -11.85 15.91 -2.79
C13 782 D . -12.12 16.22 -1.44
C14 782 D . -11.07 16.75 -0.63
C15 782 D . -9.78 16.95 -1.16
C16 782 D . -13.54 16.03 -0.91
C17 782 D . -13.61 15.27 0.43
C18 782 D . -14.30 17.37 -0.81
C19 782 D . -9.01 18.16 -5.17
C20 782 D . -10.19 18.93 -5.31
C21 782 D . -11.00 18.79 -6.45
C22 782 D . -10.67 17.89 -7.47
C23 782 D . -9.50 17.08 -7.33
C24 782 D . -8.70 17.21 -6.18
C25 782 D . -8.49 19.44 -2.98
C26 782 D . -11.56 17.82 -8.64
C27 782 D . -11.38 17.14 -9.79
C28 782 D . -12.38 17.21 -10.82
C4 782 D . -5.55 17.77 -3.85
C5 782 D . -6.64 18.53 -4.36
C6 782 D . -6.36 19.60 -5.27
C7 782 D . -5.76 16.61 -2.88
C8 782 D . -7.13 16.60 -2.19
N1 782 D . -8.23 16.88 -3.15
C9 782 D . -8.11 18.21 -3.89
C10 782 D . -9.49 16.61 -2.52
#